data_7D54
#
_entry.id   7D54
#
_cell.length_a   69.376
_cell.length_b   72.494
_cell.length_c   69.529
_cell.angle_alpha   90.000
_cell.angle_beta   111.370
_cell.angle_gamma   90.000
#
_symmetry.space_group_name_H-M   'P 1 21 1'
#
loop_
_entity.id
_entity.type
_entity.pdbx_description
1 polymer 'Glutamine amidotransferase class-I'
2 non-polymer GLUTAMINE
3 water water
#
_entity_poly.entity_id   1
_entity_poly.type   'polypeptide(L)'
_entity_poly.pdbx_seq_one_letter_code
;EFMAPKVLFIHNEHMCTEAMLGDAFSECGFDIETFEVVPPERVETPAGDVAFPDPTAYDVIVPLGARWPVYEQSLVGTWV
TAEMDMMRKAADAGVGILGV(OCS)FGGQLLAQTFGGSVARAETAEVGWFELDTDDAGLIAPGPWFQWHFDRWTVPPGAT
EIARTSRSSQAFVLGRALALQFHPEVDVDLLEGWLADDREGISGKLGYNHDDLRLRTKELVDDAAVRVRELVRAFLDKVV
RADPAS
;
_entity_poly.pdbx_strand_id   A,B
#
# COMPACT_ATOMS: atom_id res chain seq x y z
N GLU A 1 -16.40 28.03 29.90
CA GLU A 1 -15.54 26.88 30.19
C GLU A 1 -14.42 26.80 29.16
N PHE A 2 -13.19 26.79 29.66
CA PHE A 2 -11.99 26.76 28.82
C PHE A 2 -11.83 25.34 28.24
N MET A 3 -11.55 25.18 26.93
CA MET A 3 -11.35 23.84 26.34
C MET A 3 -9.85 23.54 26.33
N ALA A 4 -9.41 22.61 27.18
CA ALA A 4 -8.06 22.04 27.05
C ALA A 4 -7.95 21.25 25.75
N PRO A 5 -6.79 21.27 25.08
CA PRO A 5 -6.64 20.41 23.90
C PRO A 5 -6.78 18.95 24.30
N LYS A 6 -7.20 18.13 23.32
CA LYS A 6 -7.53 16.73 23.59
C LYS A 6 -6.70 15.86 22.66
N VAL A 7 -6.15 14.77 23.19
CA VAL A 7 -5.42 13.79 22.37
C VAL A 7 -6.08 12.44 22.58
N LEU A 8 -6.18 11.66 21.52
CA LEU A 8 -6.58 10.27 21.57
C LEU A 8 -5.40 9.36 21.25
N PHE A 9 -5.05 8.48 22.20
CA PHE A 9 -4.08 7.41 21.95
C PHE A 9 -4.81 6.17 21.43
N ILE A 10 -4.41 5.69 20.25
CA ILE A 10 -5.03 4.53 19.62
C ILE A 10 -4.15 3.33 19.91
N HIS A 11 -4.62 2.44 20.80
CA HIS A 11 -3.91 1.25 21.24
C HIS A 11 -4.18 0.18 20.20
N ASN A 12 -3.35 0.15 19.17
CA ASN A 12 -3.48 -0.90 18.19
C ASN A 12 -3.23 -2.27 18.81
N GLU A 13 -2.34 -2.36 19.79
CA GLU A 13 -2.13 -3.58 20.55
C GLU A 13 -2.00 -3.23 22.02
N HIS A 14 -2.46 -4.14 22.87
CA HIS A 14 -2.72 -3.76 24.26
C HIS A 14 -1.43 -3.56 25.03
N MET A 15 -0.32 -4.16 24.61
CA MET A 15 0.92 -3.93 25.32
C MET A 15 1.69 -2.73 24.78
N CYS A 16 1.17 -2.04 23.78
CA CYS A 16 1.84 -0.90 23.16
C CYS A 16 1.08 0.38 23.48
N THR A 17 1.20 0.79 24.74
CA THR A 17 0.46 1.93 25.25
C THR A 17 1.31 3.21 25.23
N GLU A 18 0.72 4.33 25.64
CA GLU A 18 1.33 5.63 25.35
C GLU A 18 2.56 5.96 26.22
N ALA A 19 2.68 5.34 27.41
CA ALA A 19 3.81 5.57 28.29
C ALA A 19 4.23 7.04 28.29
N MET A 20 5.49 7.31 27.94
CA MET A 20 6.01 8.67 28.18
C MET A 20 5.43 9.71 27.22
N LEU A 21 4.86 9.29 26.09
CA LEU A 21 4.11 10.23 25.26
C LEU A 21 2.88 10.76 26.00
N GLY A 22 2.25 9.91 26.81
CA GLY A 22 1.17 10.38 27.67
C GLY A 22 1.65 11.48 28.60
N ASP A 23 2.79 11.26 29.25
CA ASP A 23 3.33 12.27 30.15
C ASP A 23 3.62 13.56 29.37
N ALA A 24 4.30 13.42 28.23
CA ALA A 24 4.63 14.55 27.39
C ALA A 24 3.40 15.36 27.00
N PHE A 25 2.35 14.69 26.51
CA PHE A 25 1.13 15.42 26.16
C PHE A 25 0.48 16.03 27.40
N SER A 26 0.44 15.29 28.52
CA SER A 26 -0.12 15.86 29.74
C SER A 26 0.62 17.13 30.15
N GLU A 27 1.94 17.14 29.98
CA GLU A 27 2.72 18.29 30.40
C GLU A 27 2.57 19.46 29.45
N CYS A 28 2.22 19.22 28.18
CA CYS A 28 1.80 20.25 27.24
C CYS A 28 0.35 20.64 27.42
N GLY A 29 -0.31 20.20 28.49
CA GLY A 29 -1.63 20.65 28.83
C GLY A 29 -2.79 19.90 28.24
N PHE A 30 -2.55 18.71 27.71
CA PHE A 30 -3.58 17.96 27.01
C PHE A 30 -4.38 17.05 27.94
N ASP A 31 -5.70 17.02 27.74
CA ASP A 31 -6.51 15.92 28.26
C ASP A 31 -6.28 14.69 27.39
N ILE A 32 -6.29 13.50 28.01
CA ILE A 32 -5.93 12.25 27.35
C ILE A 32 -7.13 11.33 27.32
N GLU A 33 -7.42 10.77 26.14
CA GLU A 33 -8.29 9.62 26.03
C GLU A 33 -7.56 8.51 25.30
N THR A 34 -8.13 7.30 25.40
CA THR A 34 -7.57 6.15 24.70
C THR A 34 -8.67 5.33 24.06
N PHE A 35 -8.31 4.61 22.99
CA PHE A 35 -9.22 3.75 22.26
C PHE A 35 -8.51 2.41 22.02
N GLU A 36 -9.20 1.31 22.34
CA GLU A 36 -8.67 -0.03 22.18
C GLU A 36 -9.11 -0.61 20.84
N VAL A 37 -8.14 -0.99 20.02
CA VAL A 37 -8.44 -1.56 18.71
C VAL A 37 -8.55 -3.09 18.84
N VAL A 38 -7.44 -3.73 19.18
CA VAL A 38 -7.39 -5.20 19.30
C VAL A 38 -7.34 -5.53 20.78
N PRO A 39 -8.38 -6.11 21.36
CA PRO A 39 -8.34 -6.46 22.79
C PRO A 39 -7.39 -7.62 23.03
N PRO A 40 -6.99 -7.83 24.29
CA PRO A 40 -5.97 -8.87 24.54
C PRO A 40 -6.40 -10.27 24.11
N GLU A 41 -7.70 -10.57 24.13
CA GLU A 41 -8.13 -11.90 23.71
C GLU A 41 -7.96 -12.14 22.20
N ARG A 42 -7.64 -11.09 21.43
CA ARG A 42 -7.42 -11.23 19.98
C ARG A 42 -5.98 -11.08 19.56
N VAL A 43 -5.01 -11.13 20.50
CA VAL A 43 -3.62 -10.85 20.15
C VAL A 43 -3.09 -11.85 19.13
N GLU A 44 -3.58 -13.10 19.13
CA GLU A 44 -3.18 -14.08 18.12
C GLU A 44 -4.14 -14.15 16.93
N THR A 45 -5.30 -13.51 17.02
CA THR A 45 -6.27 -13.45 15.93
C THR A 45 -6.75 -12.00 15.81
N PRO A 46 -5.86 -11.11 15.37
CA PRO A 46 -6.23 -9.68 15.30
C PRO A 46 -7.29 -9.34 14.27
N ALA A 47 -7.55 -10.19 13.27
CA ALA A 47 -8.46 -9.79 12.19
C ALA A 47 -9.90 -9.63 12.68
N GLY A 48 -10.59 -8.63 12.14
CA GLY A 48 -11.98 -8.37 12.46
C GLY A 48 -12.30 -6.89 12.49
N ASP A 49 -13.45 -6.51 11.93
CA ASP A 49 -13.82 -5.10 11.83
C ASP A 49 -13.90 -4.45 13.21
N VAL A 50 -13.56 -3.16 13.26
CA VAL A 50 -13.58 -2.36 14.47
C VAL A 50 -14.08 -0.96 14.11
N ALA A 51 -14.96 -0.41 14.94
CA ALA A 51 -15.59 0.88 14.65
C ALA A 51 -14.81 1.97 15.38
N PHE A 52 -14.08 2.76 14.65
CA PHE A 52 -13.24 3.79 15.23
C PHE A 52 -14.06 5.03 15.57
N PRO A 53 -13.59 5.80 16.55
CA PRO A 53 -14.31 7.03 16.90
C PRO A 53 -14.06 8.15 15.90
N ASP A 54 -14.95 9.12 15.97
CA ASP A 54 -14.87 10.29 15.13
C ASP A 54 -13.62 11.09 15.50
N PRO A 55 -12.65 11.24 14.60
CA PRO A 55 -11.39 11.91 14.99
C PRO A 55 -11.55 13.39 15.24
N THR A 56 -12.57 14.03 14.70
CA THR A 56 -12.66 15.48 14.81
C THR A 56 -13.01 15.94 16.21
N ALA A 57 -13.28 15.01 17.14
CA ALA A 57 -13.43 15.33 18.55
C ALA A 57 -12.10 15.66 19.23
N TYR A 58 -10.99 15.46 18.54
CA TYR A 58 -9.65 15.57 19.11
C TYR A 58 -8.84 16.60 18.34
N ASP A 59 -7.86 17.19 19.03
CA ASP A 59 -6.87 18.03 18.38
C ASP A 59 -5.71 17.22 17.82
N VAL A 60 -5.37 16.13 18.47
CA VAL A 60 -4.31 15.25 17.99
C VAL A 60 -4.80 13.82 18.17
N ILE A 61 -4.47 12.95 17.22
CA ILE A 61 -4.69 11.51 17.42
C ILE A 61 -3.36 10.80 17.22
N VAL A 62 -3.17 9.69 17.94
CA VAL A 62 -1.85 9.05 18.01
C VAL A 62 -2.01 7.54 17.83
N PRO A 63 -1.87 7.02 16.61
CA PRO A 63 -1.85 5.56 16.47
C PRO A 63 -0.49 5.00 16.91
N LEU A 64 -0.52 4.06 17.85
CA LEU A 64 0.67 3.50 18.46
C LEU A 64 1.01 2.14 17.85
N GLY A 65 2.05 1.48 18.37
CA GLY A 65 2.67 0.38 17.68
C GLY A 65 1.89 -0.93 17.85
N ALA A 66 2.36 -1.96 17.13
CA ALA A 66 1.76 -3.28 17.24
C ALA A 66 2.66 -4.26 16.50
N ARG A 67 2.43 -5.54 16.76
CA ARG A 67 3.33 -6.57 16.24
C ARG A 67 2.95 -7.10 14.87
N TRP A 68 1.75 -6.82 14.39
CA TRP A 68 1.34 -7.44 13.13
C TRP A 68 1.78 -6.60 11.93
N PRO A 69 1.84 -7.20 10.74
CA PRO A 69 2.16 -6.40 9.55
C PRO A 69 0.96 -5.55 9.16
N VAL A 70 1.21 -4.25 8.99
CA VAL A 70 0.15 -3.33 8.59
C VAL A 70 -0.41 -3.65 7.22
N TYR A 71 0.27 -4.48 6.44
CA TYR A 71 -0.15 -4.84 5.09
C TYR A 71 -0.78 -6.22 5.04
N GLU A 72 -1.02 -6.84 6.19
CA GLU A 72 -1.62 -8.16 6.24
C GLU A 72 -2.98 -8.13 5.56
N GLN A 73 -3.20 -9.07 4.64
CA GLN A 73 -4.43 -9.07 3.86
C GLN A 73 -5.67 -8.97 4.73
N SER A 74 -5.74 -9.76 5.81
CA SER A 74 -6.96 -9.78 6.59
C SER A 74 -7.06 -8.63 7.57
N LEU A 75 -5.95 -7.90 7.80
CA LEU A 75 -6.01 -6.69 8.59
C LEU A 75 -6.43 -5.53 7.70
N VAL A 76 -5.75 -5.34 6.55
CA VAL A 76 -6.20 -4.35 5.57
C VAL A 76 -7.66 -4.62 5.20
N GLY A 77 -8.00 -5.90 5.13
CA GLY A 77 -9.35 -6.28 4.82
C GLY A 77 -10.34 -5.99 5.90
N THR A 78 -9.89 -5.66 7.12
CA THR A 78 -10.78 -5.26 8.20
C THR A 78 -10.33 -3.95 8.82
N TRP A 79 -9.79 -3.99 10.05
CA TRP A 79 -9.71 -2.74 10.81
C TRP A 79 -8.57 -1.81 10.40
N VAL A 80 -7.56 -2.32 9.69
CA VAL A 80 -6.50 -1.41 9.24
C VAL A 80 -7.03 -0.38 8.26
N THR A 81 -7.87 -0.81 7.32
CA THR A 81 -8.47 0.13 6.40
C THR A 81 -9.41 1.10 7.11
N ALA A 82 -10.15 0.63 8.12
CA ALA A 82 -10.96 1.57 8.91
C ALA A 82 -10.08 2.60 9.64
N GLU A 83 -8.92 2.18 10.15
CA GLU A 83 -8.02 3.13 10.80
C GLU A 83 -7.43 4.10 9.78
N MET A 84 -7.07 3.58 8.60
CA MET A 84 -6.58 4.42 7.53
C MET A 84 -7.63 5.45 7.15
N ASP A 85 -8.89 5.03 7.08
CA ASP A 85 -9.98 5.98 6.79
C ASP A 85 -10.09 7.05 7.87
N MET A 86 -10.00 6.63 9.14
CA MET A 86 -9.97 7.62 10.23
C MET A 86 -8.83 8.61 10.08
N MET A 87 -7.62 8.14 9.76
CA MET A 87 -6.51 9.07 9.59
C MET A 87 -6.78 10.06 8.45
N ARG A 88 -7.34 9.59 7.33
CA ARG A 88 -7.63 10.47 6.21
C ARG A 88 -8.66 11.52 6.61
N LYS A 89 -9.71 11.11 7.30
CA LYS A 89 -10.73 12.04 7.76
C LYS A 89 -10.14 13.06 8.73
N ALA A 90 -9.29 12.62 9.65
CA ALA A 90 -8.62 13.54 10.55
C ALA A 90 -7.72 14.51 9.80
N ALA A 91 -6.86 13.98 8.92
CA ALA A 91 -6.03 14.87 8.13
C ALA A 91 -6.87 15.94 7.45
N ASP A 92 -7.98 15.52 6.87
CA ASP A 92 -8.77 16.45 6.07
C ASP A 92 -9.45 17.50 6.95
N ALA A 93 -9.80 17.12 8.19
CA ALA A 93 -10.40 18.06 9.13
C ALA A 93 -9.37 18.90 9.89
N GLY A 94 -8.08 18.78 9.57
CA GLY A 94 -7.05 19.55 10.27
C GLY A 94 -6.67 19.05 11.64
N VAL A 95 -7.01 17.81 11.98
CA VAL A 95 -6.53 17.22 13.21
C VAL A 95 -5.04 16.95 13.06
N GLY A 96 -4.29 17.04 14.15
CA GLY A 96 -2.89 16.61 14.12
C GLY A 96 -2.78 15.11 14.32
N ILE A 97 -1.70 14.53 13.78
CA ILE A 97 -1.50 13.09 13.84
C ILE A 97 -0.05 12.82 14.17
N LEU A 98 0.20 11.97 15.17
CA LEU A 98 1.53 11.49 15.49
C LEU A 98 1.46 9.97 15.53
N GLY A 99 2.10 9.32 14.56
CA GLY A 99 2.04 7.87 14.41
C GLY A 99 3.35 7.26 14.83
N VAL A 100 3.26 6.17 15.59
CA VAL A 100 4.45 5.53 16.13
C VAL A 100 4.59 4.09 15.67
N PHE A 102 4.27 0.86 14.00
CA PHE A 102 3.09 0.39 13.24
C PHE A 102 2.17 1.59 12.86
N GLY A 103 2.05 2.54 13.79
CA GLY A 103 1.20 3.69 13.51
C GLY A 103 1.79 4.62 12.48
N GLY A 104 3.11 4.77 12.46
CA GLY A 104 3.76 5.53 11.41
C GLY A 104 3.67 4.79 10.09
N GLN A 105 3.86 3.47 10.12
CA GLN A 105 3.68 2.67 8.91
C GLN A 105 2.24 2.76 8.40
N LEU A 106 1.27 2.77 9.30
CA LEU A 106 -0.12 2.93 8.89
C LEU A 106 -0.32 4.27 8.19
N LEU A 107 0.33 5.32 8.68
CA LEU A 107 0.21 6.60 8.02
C LEU A 107 0.77 6.53 6.61
N ALA A 108 1.94 5.89 6.46
CA ALA A 108 2.51 5.77 5.13
C ALA A 108 1.55 5.06 4.19
N GLN A 109 0.98 3.94 4.62
CA GLN A 109 0.03 3.22 3.76
C GLN A 109 -1.21 4.04 3.47
N THR A 110 -1.71 4.75 4.47
CA THR A 110 -2.87 5.61 4.26
C THR A 110 -2.68 6.54 3.07
N PHE A 111 -1.51 7.19 2.98
CA PHE A 111 -1.25 8.21 1.98
C PHE A 111 -0.45 7.71 0.80
N GLY A 112 -0.41 6.41 0.56
CA GLY A 112 0.10 5.88 -0.69
C GLY A 112 1.55 5.46 -0.70
N GLY A 113 2.16 5.22 0.46
CA GLY A 113 3.48 4.63 0.52
C GLY A 113 3.42 3.24 1.11
N SER A 114 3.94 2.27 0.38
CA SER A 114 3.77 0.91 0.85
C SER A 114 4.76 0.56 1.96
N VAL A 115 4.44 -0.51 2.68
CA VAL A 115 5.20 -1.02 3.81
C VAL A 115 5.57 -2.46 3.52
N ALA A 116 6.79 -2.84 3.90
CA ALA A 116 7.29 -4.16 3.55
C ALA A 116 8.36 -4.59 4.53
N ARG A 117 8.59 -5.90 4.53
CA ARG A 117 9.69 -6.45 5.32
C ARG A 117 11.02 -5.78 4.96
N ALA A 118 11.75 -5.36 5.98
CA ALA A 118 13.01 -4.67 5.80
C ALA A 118 14.13 -5.68 5.60
N GLU A 119 15.13 -5.25 4.85
CA GLU A 119 16.30 -6.08 4.65
C GLU A 119 17.02 -6.33 5.96
N THR A 120 17.14 -5.31 6.82
CA THR A 120 17.77 -5.49 8.13
C THR A 120 16.93 -4.87 9.21
N ALA A 121 16.51 -5.69 10.17
CA ALA A 121 15.75 -5.22 11.32
C ALA A 121 16.56 -4.21 12.11
N GLU A 122 15.87 -3.52 13.00
CA GLU A 122 16.48 -2.66 14.00
C GLU A 122 15.82 -3.02 15.33
N VAL A 123 16.58 -3.62 16.25
CA VAL A 123 16.14 -3.90 17.61
C VAL A 123 17.15 -3.30 18.57
N GLY A 124 16.76 -2.27 19.31
CA GLY A 124 17.64 -1.61 20.25
C GLY A 124 17.68 -0.11 20.05
N TRP A 125 18.65 0.54 20.69
CA TRP A 125 18.79 2.00 20.66
C TRP A 125 19.73 2.43 19.55
N PHE A 126 19.28 3.38 18.73
CA PHE A 126 20.03 3.77 17.53
C PHE A 126 19.99 5.28 17.35
N GLU A 127 21.08 5.85 16.85
CA GLU A 127 21.05 7.22 16.39
C GLU A 127 20.42 7.28 15.00
N LEU A 128 20.01 8.46 14.60
CA LEU A 128 19.55 8.62 13.24
C LEU A 128 20.15 9.89 12.65
N ASP A 129 20.07 9.97 11.32
CA ASP A 129 20.44 11.17 10.57
C ASP A 129 19.18 11.98 10.35
N THR A 130 19.20 13.26 10.78
CA THR A 130 18.02 14.10 10.69
C THR A 130 18.32 15.41 9.96
N ASP A 131 17.32 15.90 9.24
CA ASP A 131 17.43 17.17 8.52
C ASP A 131 17.00 18.37 9.36
N ASP A 132 16.30 18.11 10.48
CA ASP A 132 15.74 19.16 11.35
C ASP A 132 15.87 18.65 12.79
N ALA A 133 17.05 18.86 13.40
CA ALA A 133 17.27 18.36 14.75
C ALA A 133 16.38 19.07 15.75
N GLY A 134 15.79 20.21 15.38
CA GLY A 134 14.85 20.87 16.23
C GLY A 134 13.50 20.19 16.31
N LEU A 135 13.22 19.27 15.40
CA LEU A 135 11.98 18.49 15.41
C LEU A 135 12.24 17.02 15.71
N ILE A 136 13.15 16.39 14.99
CA ILE A 136 13.53 15.00 15.23
C ILE A 136 15.00 14.99 15.62
N ALA A 137 15.30 14.88 16.91
CA ALA A 137 16.69 14.88 17.36
C ALA A 137 17.40 13.61 16.90
N PRO A 138 18.74 13.64 16.86
CA PRO A 138 19.45 12.43 16.43
C PRO A 138 19.22 11.26 17.36
N GLY A 139 18.78 11.50 18.59
CA GLY A 139 18.47 10.43 19.51
C GLY A 139 19.55 10.25 20.55
N PRO A 140 19.91 8.97 20.86
CA PRO A 140 19.34 7.73 20.30
C PRO A 140 17.86 7.54 20.64
N TRP A 141 17.22 6.71 19.81
CA TRP A 141 15.84 6.33 19.94
C TRP A 141 15.73 4.81 20.00
N PHE A 142 14.72 4.32 20.72
CA PHE A 142 14.54 2.87 20.78
C PHE A 142 13.77 2.38 19.58
N GLN A 143 14.25 1.29 19.00
CA GLN A 143 13.66 0.68 17.82
C GLN A 143 13.34 -0.77 18.12
N TRP A 144 12.25 -1.26 17.52
CA TRP A 144 11.96 -2.68 17.52
C TRP A 144 11.03 -2.91 16.31
N HIS A 145 11.63 -3.16 15.15
CA HIS A 145 10.78 -3.33 13.97
C HIS A 145 11.48 -4.16 12.90
N PHE A 146 10.66 -4.90 12.12
CA PHE A 146 11.16 -5.71 11.01
C PHE A 146 10.58 -5.33 9.64
N ASP A 147 9.68 -4.36 9.59
CA ASP A 147 9.09 -3.76 8.41
C ASP A 147 9.58 -2.32 8.30
N ARG A 148 9.59 -1.80 7.08
CA ARG A 148 9.90 -0.39 6.86
C ARG A 148 8.93 0.17 5.84
N TRP A 149 8.76 1.49 5.86
CA TRP A 149 7.83 2.13 4.95
C TRP A 149 8.54 2.79 3.77
N THR A 150 7.76 3.04 2.73
CA THR A 150 8.12 3.88 1.60
C THR A 150 7.46 5.22 1.87
N VAL A 151 8.25 6.30 1.90
CA VAL A 151 7.68 7.61 2.23
C VAL A 151 6.58 7.91 1.23
N PRO A 152 5.39 8.31 1.67
CA PRO A 152 4.29 8.46 0.74
C PRO A 152 4.47 9.68 -0.15
N PRO A 153 3.80 9.71 -1.30
CA PRO A 153 3.82 10.93 -2.13
C PRO A 153 3.31 12.13 -1.37
N GLY A 154 3.94 13.28 -1.63
CA GLY A 154 3.62 14.51 -0.95
C GLY A 154 4.28 14.67 0.39
N ALA A 155 4.76 13.58 1.00
CA ALA A 155 5.42 13.66 2.30
C ALA A 155 6.87 14.12 2.15
N THR A 156 7.40 14.69 3.23
CA THR A 156 8.82 15.02 3.30
C THR A 156 9.47 14.15 4.36
N GLU A 157 10.51 13.43 3.97
CA GLU A 157 11.26 12.63 4.92
C GLU A 157 12.15 13.56 5.73
N ILE A 158 12.13 13.39 7.05
CA ILE A 158 12.84 14.27 7.96
C ILE A 158 14.07 13.56 8.50
N ALA A 159 14.01 12.24 8.66
CA ALA A 159 15.10 11.54 9.32
C ALA A 159 15.16 10.10 8.82
N ARG A 160 16.32 9.50 8.95
CA ARG A 160 16.51 8.13 8.48
C ARG A 160 17.76 7.54 9.09
N THR A 161 17.80 6.20 9.11
CA THR A 161 19.05 5.46 9.28
C THR A 161 19.39 4.85 7.94
N SER A 162 20.57 4.23 7.87
CA SER A 162 20.94 3.49 6.68
C SER A 162 19.91 2.40 6.37
N ARG A 163 19.25 1.88 7.40
CA ARG A 163 18.39 0.73 7.25
C ARG A 163 16.93 1.07 6.96
N SER A 164 16.46 2.27 7.33
CA SER A 164 15.03 2.54 7.23
C SER A 164 14.81 4.04 7.30
N SER A 165 13.74 4.48 6.62
CA SER A 165 13.22 5.82 6.81
C SER A 165 12.62 5.86 8.22
N GLN A 166 12.86 6.95 8.92
CA GLN A 166 12.52 7.02 10.34
C GLN A 166 11.48 8.06 10.71
N ALA A 167 11.36 9.14 9.94
CA ALA A 167 10.35 10.16 10.19
C ALA A 167 10.02 10.92 8.92
N PHE A 168 8.73 11.19 8.73
CA PHE A 168 8.26 12.03 7.64
C PHE A 168 7.08 12.86 8.13
N VAL A 169 6.91 13.99 7.45
CA VAL A 169 5.82 14.90 7.71
C VAL A 169 4.97 14.98 6.46
N LEU A 170 3.67 15.00 6.64
CA LEU A 170 2.71 15.24 5.56
C LEU A 170 1.63 16.11 6.18
N GLY A 171 1.60 17.41 5.84
CA GLY A 171 0.63 18.28 6.48
C GLY A 171 0.87 18.29 7.98
N ARG A 172 -0.18 18.07 8.75
CA ARG A 172 -0.08 18.03 10.21
C ARG A 172 0.15 16.63 10.73
N ALA A 173 0.58 15.70 9.88
CA ALA A 173 0.91 14.34 10.31
C ALA A 173 2.42 14.16 10.41
N LEU A 174 2.87 13.59 11.52
CA LEU A 174 4.24 13.13 11.67
C LEU A 174 4.25 11.63 11.95
N ALA A 175 4.92 10.87 11.09
CA ALA A 175 5.10 9.45 11.28
C ALA A 175 6.50 9.16 11.77
N LEU A 176 6.60 8.30 12.79
CA LEU A 176 7.88 7.89 13.37
C LEU A 176 8.02 6.37 13.28
N GLN A 177 9.21 5.88 12.94
CA GLN A 177 9.44 4.45 12.91
C GLN A 177 9.92 3.92 14.25
N PHE A 178 10.47 4.80 15.08
CA PHE A 178 10.97 4.47 16.42
C PHE A 178 9.93 4.72 17.49
N HIS A 179 10.27 4.28 18.73
CA HIS A 179 9.39 4.37 19.89
C HIS A 179 9.90 5.42 20.84
N PRO A 180 9.54 6.69 20.69
CA PRO A 180 10.05 7.71 21.62
C PRO A 180 9.48 7.53 23.03
N GLU A 181 8.45 6.71 23.18
CA GLU A 181 7.69 6.63 24.42
C GLU A 181 8.26 5.61 25.40
N VAL A 182 9.28 4.86 25.03
CA VAL A 182 9.58 3.66 25.80
C VAL A 182 10.37 4.02 27.05
N ASP A 183 9.90 3.51 28.18
CA ASP A 183 10.57 3.61 29.46
C ASP A 183 10.77 2.19 30.00
N VAL A 184 11.29 2.10 31.22
CA VAL A 184 11.70 0.79 31.74
C VAL A 184 10.51 -0.16 31.80
N ASP A 185 9.39 0.29 32.37
CA ASP A 185 8.28 -0.65 32.57
C ASP A 185 7.63 -1.07 31.26
N LEU A 186 7.49 -0.15 30.31
CA LEU A 186 6.93 -0.53 29.02
C LEU A 186 7.84 -1.57 28.36
N LEU A 187 9.16 -1.36 28.39
CA LEU A 187 10.04 -2.34 27.80
C LEU A 187 9.85 -3.70 28.47
N GLU A 188 9.74 -3.73 29.80
CA GLU A 188 9.64 -5.00 30.50
C GLU A 188 8.42 -5.77 30.04
N GLY A 189 7.33 -5.04 29.71
CA GLY A 189 6.14 -5.71 29.21
C GLY A 189 6.42 -6.40 27.90
N TRP A 190 7.16 -5.73 27.02
CA TRP A 190 7.57 -6.34 25.77
C TRP A 190 8.53 -7.49 26.00
N LEU A 191 9.54 -7.30 26.86
CA LEU A 191 10.53 -8.38 27.03
C LEU A 191 9.86 -9.65 27.57
N ALA A 192 8.90 -9.51 28.48
CA ALA A 192 8.24 -10.69 29.03
C ALA A 192 7.45 -11.46 27.97
N ASP A 193 7.00 -10.80 26.90
CA ASP A 193 6.27 -11.53 25.86
C ASP A 193 7.14 -12.00 24.71
N ASP A 194 8.43 -11.62 24.69
CA ASP A 194 9.32 -11.99 23.59
C ASP A 194 9.83 -13.42 23.79
N ARG A 195 8.92 -14.37 23.53
CA ARG A 195 9.19 -15.80 23.67
C ARG A 195 10.40 -16.23 22.84
N GLU A 196 10.40 -15.93 21.54
CA GLU A 196 11.46 -16.44 20.68
C GLU A 196 12.79 -15.70 20.83
N GLY A 197 12.86 -14.64 21.63
CA GLY A 197 14.06 -13.85 21.74
C GLY A 197 14.79 -13.99 23.05
N ILE A 198 14.15 -14.60 24.05
CA ILE A 198 14.79 -14.71 25.36
C ILE A 198 16.13 -15.43 25.25
N SER A 199 16.27 -16.32 24.28
CA SER A 199 17.48 -17.12 24.14
C SER A 199 18.62 -16.40 23.44
N GLY A 200 18.38 -15.21 22.88
CA GLY A 200 19.40 -14.45 22.20
C GLY A 200 19.58 -14.77 20.74
N LYS A 201 18.82 -15.71 20.20
CA LYS A 201 19.07 -16.23 18.87
C LYS A 201 18.62 -15.30 17.73
N LEU A 202 18.15 -14.09 18.03
CA LEU A 202 17.68 -13.20 16.98
C LEU A 202 18.57 -11.95 16.85
N GLY A 203 19.81 -12.03 17.32
CA GLY A 203 20.78 -10.95 17.17
C GLY A 203 20.75 -9.90 18.25
N TYR A 204 19.95 -10.10 19.29
CA TYR A 204 19.89 -9.23 20.44
C TYR A 204 19.65 -10.10 21.67
N ASN A 205 19.76 -9.49 22.84
CA ASN A 205 19.40 -10.16 24.08
C ASN A 205 18.74 -9.18 25.05
N HIS A 206 17.84 -9.72 25.88
CA HIS A 206 17.06 -8.90 26.81
C HIS A 206 17.92 -8.15 27.82
N ASP A 207 18.99 -8.78 28.32
CA ASP A 207 19.81 -8.11 29.33
C ASP A 207 20.42 -6.81 28.80
N ASP A 208 20.95 -6.84 27.59
CA ASP A 208 21.58 -5.66 27.03
C ASP A 208 20.54 -4.60 26.64
N LEU A 209 19.39 -5.02 26.08
CA LEU A 209 18.31 -4.05 25.85
C LEU A 209 17.91 -3.36 27.16
N ARG A 210 17.71 -4.16 28.21
CA ARG A 210 17.30 -3.62 29.51
C ARG A 210 18.33 -2.65 30.05
N LEU A 211 19.60 -3.00 29.93
CA LEU A 211 20.67 -2.19 30.48
C LEU A 211 20.81 -0.86 29.75
N ARG A 212 20.84 -0.90 28.41
CA ARG A 212 20.93 0.34 27.63
C ARG A 212 19.75 1.25 27.96
N THR A 213 18.57 0.66 28.09
CA THR A 213 17.39 1.44 28.44
C THR A 213 17.52 2.05 29.82
N LYS A 214 17.98 1.26 30.80
CA LYS A 214 18.20 1.80 32.14
C LYS A 214 19.08 3.03 32.07
N GLU A 215 20.17 2.95 31.30
CA GLU A 215 21.13 4.05 31.24
C GLU A 215 20.55 5.32 30.62
N LEU A 216 19.71 5.18 29.60
CA LEU A 216 19.25 6.30 28.81
C LEU A 216 17.95 6.92 29.30
N VAL A 217 17.42 6.44 30.44
CA VAL A 217 16.08 6.86 30.88
C VAL A 217 15.99 8.38 30.93
N ASP A 218 16.83 9.02 31.75
CA ASP A 218 16.68 10.45 31.97
C ASP A 218 16.80 11.22 30.67
N ASP A 219 17.77 10.85 29.82
CA ASP A 219 17.92 11.51 28.52
C ASP A 219 16.69 11.29 27.65
N ALA A 220 16.20 10.05 27.57
CA ALA A 220 15.08 9.74 26.70
C ALA A 220 13.81 10.40 27.20
N ALA A 221 13.68 10.64 28.50
CA ALA A 221 12.48 11.30 28.98
C ALA A 221 12.45 12.76 28.55
N VAL A 222 13.61 13.39 28.47
CA VAL A 222 13.67 14.78 28.03
C VAL A 222 13.36 14.87 26.54
N ARG A 223 13.88 13.92 25.74
CA ARG A 223 13.72 13.98 24.29
C ARG A 223 12.27 13.82 23.86
N VAL A 224 11.50 12.96 24.53
CA VAL A 224 10.13 12.75 24.09
C VAL A 224 9.32 14.01 24.36
N ARG A 225 9.60 14.68 25.48
CA ARG A 225 8.92 15.93 25.79
C ARG A 225 9.28 17.01 24.76
N GLU A 226 10.54 17.10 24.36
CA GLU A 226 10.93 18.06 23.33
C GLU A 226 10.35 17.69 21.97
N LEU A 227 10.27 16.39 21.69
CA LEU A 227 9.66 15.93 20.44
C LEU A 227 8.20 16.34 20.37
N VAL A 228 7.43 16.08 21.42
CA VAL A 228 6.02 16.44 21.39
C VAL A 228 5.87 17.96 21.26
N ARG A 229 6.63 18.70 22.05
CA ARG A 229 6.53 20.17 22.00
C ARG A 229 6.85 20.68 20.61
N ALA A 230 7.87 20.12 19.96
CA ALA A 230 8.21 20.57 18.63
C ALA A 230 7.15 20.17 17.61
N PHE A 231 6.62 18.95 17.73
CA PHE A 231 5.49 18.52 16.91
C PHE A 231 4.33 19.51 17.00
N LEU A 232 3.94 19.88 18.22
CA LEU A 232 2.87 20.86 18.35
C LEU A 232 3.25 22.19 17.72
N ASP A 233 4.54 22.54 17.78
CA ASP A 233 4.98 23.88 17.37
C ASP A 233 5.06 24.00 15.85
N LYS A 234 5.58 22.94 15.21
CA LYS A 234 6.02 22.96 13.83
C LYS A 234 5.09 22.19 12.89
N VAL A 235 4.53 21.06 13.31
CA VAL A 235 3.79 20.20 12.38
C VAL A 235 2.31 20.51 12.43
N VAL A 236 1.73 20.56 13.64
CA VAL A 236 0.31 20.84 13.73
C VAL A 236 0.02 22.22 13.16
N ARG A 237 1.06 23.06 13.04
CA ARG A 237 0.92 24.39 12.45
C ARG A 237 0.89 24.39 10.93
N ALA A 238 1.34 23.33 10.28
CA ALA A 238 1.35 23.28 8.82
C ALA A 238 -0.07 23.39 8.30
N ASP A 239 -0.20 23.80 7.04
CA ASP A 239 -1.48 23.60 6.36
C ASP A 239 -1.76 22.09 6.32
N PRO A 240 -3.01 21.67 6.47
CA PRO A 240 -3.33 20.24 6.31
C PRO A 240 -3.02 19.77 4.90
N ALA A 241 -2.86 18.45 4.75
CA ALA A 241 -2.48 17.89 3.45
C ALA A 241 -2.76 16.40 3.43
N SER A 242 -2.84 15.86 2.21
CA SER A 242 -3.20 14.47 2.01
C SER A 242 -2.64 13.97 0.69
N GLU B 1 -28.57 -17.82 -35.68
CA GLU B 1 -28.81 -16.84 -34.62
C GLU B 1 -27.72 -16.87 -33.55
N PHE B 2 -26.50 -17.29 -33.92
CA PHE B 2 -25.51 -17.62 -32.91
C PHE B 2 -24.95 -16.38 -32.22
N MET B 3 -24.73 -16.54 -30.90
CA MET B 3 -24.33 -15.50 -29.96
C MET B 3 -22.90 -15.75 -29.52
N ALA B 4 -21.95 -15.02 -30.13
CA ALA B 4 -20.59 -15.25 -29.64
C ALA B 4 -20.38 -14.52 -28.31
N PRO B 5 -19.52 -15.03 -27.42
CA PRO B 5 -19.21 -14.27 -26.19
C PRO B 5 -18.62 -12.93 -26.53
N LYS B 6 -18.82 -11.96 -25.62
CA LYS B 6 -18.42 -10.57 -25.84
C LYS B 6 -17.48 -10.14 -24.73
N VAL B 7 -16.44 -9.40 -25.11
CA VAL B 7 -15.47 -8.85 -24.17
C VAL B 7 -15.34 -7.35 -24.44
N LEU B 8 -15.28 -6.58 -23.36
CA LEU B 8 -15.10 -5.13 -23.45
C LEU B 8 -13.71 -4.83 -22.89
N PHE B 9 -12.87 -4.19 -23.71
CA PHE B 9 -11.59 -3.71 -23.24
C PHE B 9 -11.74 -2.25 -22.80
N ILE B 10 -11.38 -1.97 -21.56
CA ILE B 10 -11.54 -0.64 -20.99
C ILE B 10 -10.18 0.03 -21.13
N HIS B 11 -10.10 1.03 -22.01
CA HIS B 11 -8.84 1.71 -22.24
C HIS B 11 -8.71 2.84 -21.22
N ASN B 12 -8.04 2.57 -20.12
CA ASN B 12 -7.87 3.62 -19.12
C ASN B 12 -6.94 4.73 -19.61
N GLU B 13 -5.96 4.39 -20.45
CA GLU B 13 -5.04 5.36 -21.04
C GLU B 13 -4.90 4.96 -22.50
N HIS B 14 -4.77 5.96 -23.37
CA HIS B 14 -4.88 5.64 -24.79
C HIS B 14 -3.71 4.84 -25.32
N MET B 15 -2.57 4.88 -24.66
CA MET B 15 -1.42 4.10 -25.10
C MET B 15 -1.39 2.67 -24.54
N CYS B 16 -2.29 2.32 -23.66
CA CYS B 16 -2.31 0.98 -23.06
C CYS B 16 -3.54 0.22 -23.57
N THR B 17 -3.46 -0.24 -24.81
CA THR B 17 -4.56 -0.91 -25.47
C THR B 17 -4.34 -2.41 -25.42
N GLU B 18 -5.33 -3.16 -25.93
CA GLU B 18 -5.42 -4.61 -25.62
C GLU B 18 -4.36 -5.47 -26.32
N ALA B 19 -3.79 -5.00 -27.42
CA ALA B 19 -2.72 -5.71 -28.11
C ALA B 19 -2.97 -7.21 -28.15
N MET B 20 -2.04 -8.01 -27.63
CA MET B 20 -2.17 -9.46 -27.83
C MET B 20 -3.34 -10.07 -27.06
N LEU B 21 -3.85 -9.38 -26.04
CA LEU B 21 -5.03 -9.89 -25.34
C LEU B 21 -6.24 -9.84 -26.26
N GLY B 22 -6.33 -8.80 -27.09
CA GLY B 22 -7.36 -8.81 -28.12
C GLY B 22 -7.23 -10.00 -29.04
N ASP B 23 -6.01 -10.33 -29.48
CA ASP B 23 -5.86 -11.44 -30.40
C ASP B 23 -6.26 -12.74 -29.73
N ALA B 24 -5.89 -12.90 -28.47
CA ALA B 24 -6.16 -14.13 -27.74
C ALA B 24 -7.64 -14.33 -27.47
N PHE B 25 -8.33 -13.27 -27.04
CA PHE B 25 -9.79 -13.36 -26.93
C PHE B 25 -10.45 -13.61 -28.29
N SER B 26 -9.99 -12.95 -29.37
CA SER B 26 -10.62 -13.17 -30.66
C SER B 26 -10.49 -14.62 -31.10
N GLU B 27 -9.31 -15.21 -30.89
CA GLU B 27 -9.07 -16.60 -31.25
C GLU B 27 -9.83 -17.55 -30.37
N CYS B 28 -10.17 -17.14 -29.16
CA CYS B 28 -11.13 -17.89 -28.36
C CYS B 28 -12.59 -17.63 -28.74
N GLY B 29 -12.83 -16.90 -29.83
CA GLY B 29 -14.16 -16.77 -30.38
C GLY B 29 -14.93 -15.55 -29.95
N PHE B 30 -14.29 -14.57 -29.32
CA PHE B 30 -15.01 -13.45 -28.75
C PHE B 30 -15.18 -12.35 -29.77
N ASP B 31 -16.32 -11.67 -29.71
CA ASP B 31 -16.48 -10.37 -30.33
C ASP B 31 -15.91 -9.32 -29.38
N ILE B 32 -15.30 -8.27 -29.92
CA ILE B 32 -14.52 -7.33 -29.12
C ILE B 32 -15.14 -5.95 -29.21
N GLU B 33 -15.21 -5.27 -28.07
CA GLU B 33 -15.57 -3.86 -27.98
C GLU B 33 -14.56 -3.18 -27.08
N THR B 34 -14.47 -1.86 -27.21
CA THR B 34 -13.53 -1.08 -26.40
C THR B 34 -14.25 0.15 -25.89
N PHE B 35 -13.79 0.65 -24.76
CA PHE B 35 -14.32 1.87 -24.16
C PHE B 35 -13.14 2.77 -23.77
N GLU B 36 -13.22 4.05 -24.16
CA GLU B 36 -12.16 5.00 -23.86
C GLU B 36 -12.50 5.75 -22.58
N VAL B 37 -11.62 5.68 -21.59
CA VAL B 37 -11.83 6.39 -20.33
C VAL B 37 -11.25 7.79 -20.43
N VAL B 38 -9.92 7.88 -20.55
CA VAL B 38 -9.20 9.14 -20.68
C VAL B 38 -8.76 9.30 -22.14
N PRO B 39 -9.30 10.25 -22.88
CA PRO B 39 -8.86 10.46 -24.28
C PRO B 39 -7.48 11.09 -24.37
N PRO B 40 -6.85 11.05 -25.54
CA PRO B 40 -5.47 11.55 -25.66
C PRO B 40 -5.25 12.98 -25.16
N GLU B 41 -6.23 13.87 -25.35
CA GLU B 41 -6.01 15.27 -24.95
C GLU B 41 -6.06 15.45 -23.43
N ARG B 42 -6.47 14.43 -22.68
CA ARG B 42 -6.50 14.49 -21.23
C ARG B 42 -5.37 13.68 -20.59
N VAL B 43 -4.38 13.25 -21.36
CA VAL B 43 -3.34 12.40 -20.77
C VAL B 43 -2.62 13.10 -19.62
N GLU B 44 -2.42 14.42 -19.71
CA GLU B 44 -1.77 15.17 -18.64
C GLU B 44 -2.72 15.71 -17.58
N THR B 45 -4.02 15.65 -17.83
CA THR B 45 -5.06 16.11 -16.91
C THR B 45 -6.19 15.07 -16.93
N PRO B 46 -5.92 13.89 -16.35
CA PRO B 46 -6.91 12.79 -16.41
C PRO B 46 -8.16 12.98 -15.56
N ALA B 47 -8.13 13.86 -14.55
CA ALA B 47 -9.25 13.97 -13.63
C ALA B 47 -10.49 14.49 -14.35
N GLY B 48 -11.64 13.98 -13.94
CA GLY B 48 -12.92 14.39 -14.48
C GLY B 48 -13.87 13.21 -14.64
N ASP B 49 -15.15 13.41 -14.36
CA ASP B 49 -16.09 12.29 -14.38
C ASP B 49 -16.17 11.68 -15.77
N VAL B 50 -16.35 10.35 -15.80
CA VAL B 50 -16.58 9.55 -16.99
C VAL B 50 -17.75 8.62 -16.71
N ALA B 51 -18.68 8.51 -17.66
CA ALA B 51 -19.81 7.61 -17.49
C ALA B 51 -19.47 6.29 -18.12
N PHE B 52 -19.45 5.25 -17.35
CA PHE B 52 -19.00 3.95 -17.80
C PHE B 52 -20.18 3.13 -18.33
N PRO B 53 -19.92 2.25 -19.28
CA PRO B 53 -21.01 1.43 -19.82
C PRO B 53 -21.49 0.39 -18.83
N ASP B 54 -22.66 -0.16 -19.13
CA ASP B 54 -23.24 -1.25 -18.36
C ASP B 54 -22.42 -2.53 -18.55
N PRO B 55 -21.81 -3.10 -17.50
CA PRO B 55 -20.95 -4.28 -17.72
C PRO B 55 -21.71 -5.55 -18.06
N THR B 56 -23.03 -5.60 -17.81
CA THR B 56 -23.79 -6.85 -17.94
C THR B 56 -24.10 -7.20 -19.40
N ALA B 57 -23.79 -6.32 -20.32
CA ALA B 57 -23.85 -6.62 -21.75
C ALA B 57 -22.70 -7.50 -22.21
N TYR B 58 -21.71 -7.74 -21.36
CA TYR B 58 -20.50 -8.45 -21.74
C TYR B 58 -20.33 -9.70 -20.90
N ASP B 59 -19.59 -10.64 -21.45
CA ASP B 59 -19.20 -11.84 -20.73
C ASP B 59 -17.93 -11.62 -19.93
N VAL B 60 -17.04 -10.77 -20.41
CA VAL B 60 -15.79 -10.45 -19.72
C VAL B 60 -15.55 -8.97 -19.93
N ILE B 61 -15.07 -8.29 -18.91
CA ILE B 61 -14.60 -6.93 -19.06
C ILE B 61 -13.15 -6.89 -18.61
N VAL B 62 -12.36 -6.03 -19.25
CA VAL B 62 -10.91 -6.01 -19.06
C VAL B 62 -10.38 -4.59 -18.86
N PRO B 63 -10.23 -4.13 -17.61
CA PRO B 63 -9.56 -2.82 -17.39
C PRO B 63 -8.05 -2.95 -17.59
N LEU B 64 -7.52 -2.14 -18.50
CA LEU B 64 -6.10 -2.19 -18.86
C LEU B 64 -5.31 -1.12 -18.11
N GLY B 65 -4.02 -1.05 -18.40
CA GLY B 65 -3.11 -0.25 -17.61
C GLY B 65 -3.18 1.26 -17.87
N ALA B 66 -2.40 1.98 -17.08
CA ALA B 66 -2.42 3.44 -17.13
C ALA B 66 -1.29 3.94 -16.26
N ARG B 67 -0.84 5.16 -16.54
CA ARG B 67 0.36 5.67 -15.88
C ARG B 67 0.06 6.32 -14.55
N TRP B 68 -1.19 6.65 -14.27
CA TRP B 68 -1.49 7.44 -13.07
C TRP B 68 -1.66 6.51 -11.87
N PRO B 69 -1.38 6.98 -10.64
CA PRO B 69 -1.68 6.15 -9.46
C PRO B 69 -3.18 5.95 -9.28
N VAL B 70 -3.59 4.69 -9.10
CA VAL B 70 -5.02 4.40 -8.94
C VAL B 70 -5.58 5.01 -7.67
N TYR B 71 -4.71 5.46 -6.76
CA TYR B 71 -5.12 6.05 -5.48
C TYR B 71 -5.02 7.57 -5.49
N GLU B 72 -4.68 8.18 -6.63
CA GLU B 72 -4.66 9.64 -6.76
C GLU B 72 -6.00 10.24 -6.35
N GLN B 73 -5.96 11.19 -5.40
CA GLN B 73 -7.19 11.70 -4.81
C GLN B 73 -8.16 12.24 -5.86
N SER B 74 -7.65 12.94 -6.88
CA SER B 74 -8.57 13.53 -7.85
C SER B 74 -9.10 12.49 -8.84
N LEU B 75 -8.45 11.34 -8.95
CA LEU B 75 -9.00 10.24 -9.76
C LEU B 75 -9.99 9.43 -8.97
N VAL B 76 -9.67 9.13 -7.70
CA VAL B 76 -10.66 8.49 -6.85
C VAL B 76 -11.91 9.37 -6.75
N GLY B 77 -11.73 10.69 -6.70
CA GLY B 77 -12.89 11.54 -6.57
C GLY B 77 -13.66 11.71 -7.86
N THR B 78 -13.15 11.19 -8.97
CA THR B 78 -13.88 11.14 -10.22
C THR B 78 -13.91 9.72 -10.77
N TRP B 79 -13.27 9.48 -11.90
CA TRP B 79 -13.62 8.27 -12.67
C TRP B 79 -13.06 6.97 -12.08
N VAL B 80 -12.03 7.03 -11.23
CA VAL B 80 -11.56 5.76 -10.67
C VAL B 80 -12.64 5.13 -9.80
N THR B 81 -13.34 5.92 -9.02
CA THR B 81 -14.44 5.35 -8.24
C THR B 81 -15.58 4.87 -9.13
N ALA B 82 -15.85 5.59 -10.22
CA ALA B 82 -16.92 5.11 -11.11
C ALA B 82 -16.53 3.79 -11.75
N GLU B 83 -15.24 3.62 -12.06
CA GLU B 83 -14.78 2.33 -12.57
C GLU B 83 -14.87 1.25 -11.51
N MET B 84 -14.52 1.58 -10.27
CA MET B 84 -14.64 0.61 -9.18
C MET B 84 -16.10 0.16 -9.02
N ASP B 85 -17.04 1.09 -9.16
CA ASP B 85 -18.45 0.73 -9.09
C ASP B 85 -18.84 -0.18 -10.26
N MET B 86 -18.33 0.10 -11.46
CA MET B 86 -18.59 -0.78 -12.59
C MET B 86 -18.07 -2.19 -12.28
N MET B 87 -16.86 -2.30 -11.74
CA MET B 87 -16.31 -3.63 -11.45
C MET B 87 -17.18 -4.40 -10.43
N ARG B 88 -17.61 -3.73 -9.37
CA ARG B 88 -18.44 -4.40 -8.37
C ARG B 88 -19.79 -4.84 -8.96
N LYS B 89 -20.38 -4.01 -9.81
CA LYS B 89 -21.61 -4.35 -10.50
C LYS B 89 -21.39 -5.54 -11.41
N ALA B 90 -20.29 -5.53 -12.17
CA ALA B 90 -19.91 -6.67 -12.99
C ALA B 90 -19.77 -7.94 -12.17
N ALA B 91 -19.01 -7.87 -11.09
CA ALA B 91 -18.75 -9.06 -10.31
C ALA B 91 -20.06 -9.63 -9.79
N ASP B 92 -20.93 -8.75 -9.26
CA ASP B 92 -22.21 -9.24 -8.71
C ASP B 92 -23.07 -9.87 -9.78
N ALA B 93 -23.02 -9.34 -11.00
CA ALA B 93 -23.79 -9.87 -12.10
C ALA B 93 -23.20 -11.15 -12.70
N GLY B 94 -22.05 -11.60 -12.23
CA GLY B 94 -21.47 -12.80 -12.78
C GLY B 94 -20.59 -12.58 -13.98
N VAL B 95 -20.30 -11.31 -14.31
CA VAL B 95 -19.43 -11.01 -15.43
C VAL B 95 -18.00 -11.38 -15.06
N GLY B 96 -17.27 -11.97 -16.00
CA GLY B 96 -15.85 -12.22 -15.78
C GLY B 96 -15.04 -10.94 -15.85
N ILE B 97 -13.94 -10.88 -15.07
CA ILE B 97 -13.12 -9.66 -15.09
C ILE B 97 -11.64 -10.03 -15.15
N LEU B 98 -10.90 -9.43 -16.08
CA LEU B 98 -9.44 -9.57 -16.14
C LEU B 98 -8.85 -8.17 -16.06
N GLY B 99 -8.12 -7.87 -14.99
CA GLY B 99 -7.50 -6.57 -14.81
C GLY B 99 -6.00 -6.65 -15.03
N VAL B 100 -5.50 -5.74 -15.83
CA VAL B 100 -4.07 -5.69 -16.15
C VAL B 100 -3.41 -4.43 -15.57
N PHE B 102 -2.46 -1.29 -13.75
CA PHE B 102 -3.44 -0.32 -13.20
C PHE B 102 -4.83 -0.96 -13.00
N GLY B 103 -5.30 -1.71 -14.01
CA GLY B 103 -6.58 -2.38 -13.90
C GLY B 103 -6.63 -3.45 -12.83
N GLY B 104 -5.53 -4.13 -12.59
CA GLY B 104 -5.48 -5.11 -11.51
C GLY B 104 -5.43 -4.44 -10.16
N GLN B 105 -4.66 -3.36 -10.04
CA GLN B 105 -4.66 -2.53 -8.84
C GLN B 105 -6.04 -1.97 -8.57
N LEU B 106 -6.72 -1.49 -9.60
CA LEU B 106 -8.08 -0.99 -9.41
C LEU B 106 -8.99 -2.08 -8.83
N LEU B 107 -8.77 -3.34 -9.23
CA LEU B 107 -9.57 -4.41 -8.63
C LEU B 107 -9.21 -4.60 -7.17
N ALA B 108 -7.90 -4.59 -6.86
CA ALA B 108 -7.49 -4.65 -5.45
C ALA B 108 -8.17 -3.56 -4.64
N GLN B 109 -8.17 -2.33 -5.14
CA GLN B 109 -8.81 -1.23 -4.42
C GLN B 109 -10.34 -1.38 -4.36
N THR B 110 -10.95 -1.92 -5.43
CA THR B 110 -12.41 -2.08 -5.44
C THR B 110 -12.86 -2.95 -4.29
N PHE B 111 -12.15 -4.06 -4.05
CA PHE B 111 -12.64 -5.10 -3.16
C PHE B 111 -12.00 -5.06 -1.78
N GLY B 112 -11.42 -3.93 -1.41
CA GLY B 112 -11.05 -3.66 -0.05
C GLY B 112 -9.58 -3.84 0.27
N GLY B 113 -8.74 -4.05 -0.72
CA GLY B 113 -7.32 -4.06 -0.52
C GLY B 113 -6.79 -2.65 -0.54
N SER B 114 -5.49 -2.56 -0.83
CA SER B 114 -4.78 -1.29 -0.76
C SER B 114 -3.78 -1.25 -1.91
N VAL B 115 -3.48 -0.05 -2.39
CA VAL B 115 -2.48 0.14 -3.45
C VAL B 115 -1.58 1.28 -3.02
N ALA B 116 -0.26 1.10 -3.17
CA ALA B 116 0.65 2.13 -2.71
C ALA B 116 1.97 2.06 -3.48
N ARG B 117 2.73 3.16 -3.40
CA ARG B 117 4.03 3.21 -4.05
C ARG B 117 4.98 2.17 -3.49
N ALA B 118 5.68 1.48 -4.38
CA ALA B 118 6.57 0.40 -4.02
C ALA B 118 7.98 0.91 -3.71
N GLU B 119 8.71 0.06 -3.01
CA GLU B 119 10.10 0.34 -2.70
C GLU B 119 10.97 0.27 -3.95
N THR B 120 10.87 -0.85 -4.67
CA THR B 120 11.62 -1.13 -5.89
C THR B 120 10.65 -1.24 -7.06
N ALA B 121 10.67 -0.24 -7.95
CA ALA B 121 10.02 -0.36 -9.26
C ALA B 121 10.46 -1.63 -9.98
N GLU B 122 9.54 -2.21 -10.75
CA GLU B 122 9.81 -3.37 -11.59
C GLU B 122 9.60 -2.96 -13.04
N VAL B 123 10.69 -2.84 -13.79
CA VAL B 123 10.62 -2.49 -15.21
C VAL B 123 11.40 -3.55 -15.97
N GLY B 124 10.73 -4.32 -16.78
CA GLY B 124 11.38 -5.28 -17.65
C GLY B 124 10.69 -6.62 -17.54
N TRP B 125 11.36 -7.65 -18.07
CA TRP B 125 10.85 -9.02 -18.12
C TRP B 125 11.30 -9.78 -16.88
N PHE B 126 10.35 -10.43 -16.19
CA PHE B 126 10.66 -11.13 -14.95
C PHE B 126 9.89 -12.44 -14.81
N GLU B 127 10.56 -13.46 -14.25
CA GLU B 127 9.87 -14.68 -13.85
C GLU B 127 9.11 -14.40 -12.55
N LEU B 128 8.05 -15.15 -12.33
CA LEU B 128 7.37 -15.02 -11.07
C LEU B 128 7.19 -16.39 -10.44
N ASP B 129 6.93 -16.36 -9.14
CA ASP B 129 6.68 -17.54 -8.35
C ASP B 129 5.17 -17.77 -8.29
N THR B 130 4.73 -18.95 -8.74
CA THR B 130 3.31 -19.23 -8.93
C THR B 130 2.93 -20.48 -8.17
N ASP B 131 1.69 -20.49 -7.66
CA ASP B 131 1.09 -21.66 -7.03
C ASP B 131 0.30 -22.54 -8.00
N ASP B 132 0.03 -22.04 -9.20
CA ASP B 132 -0.82 -22.76 -10.15
C ASP B 132 -0.31 -22.38 -11.54
N ALA B 133 0.68 -23.15 -12.03
CA ALA B 133 1.34 -22.89 -13.30
C ALA B 133 0.38 -23.01 -14.47
N GLY B 134 -0.70 -23.78 -14.31
CA GLY B 134 -1.72 -23.89 -15.32
C GLY B 134 -2.68 -22.73 -15.40
N LEU B 135 -2.63 -21.80 -14.45
CA LEU B 135 -3.37 -20.56 -14.54
C LEU B 135 -2.45 -19.38 -14.84
N ILE B 136 -1.46 -19.16 -13.99
CA ILE B 136 -0.45 -18.12 -14.15
C ILE B 136 0.89 -18.83 -14.32
N ALA B 137 1.42 -18.89 -15.54
CA ALA B 137 2.72 -19.53 -15.72
C ALA B 137 3.85 -18.68 -15.14
N PRO B 138 4.99 -19.32 -14.84
CA PRO B 138 6.16 -18.53 -14.40
C PRO B 138 6.54 -17.45 -15.39
N GLY B 139 6.30 -17.62 -16.69
CA GLY B 139 6.64 -16.56 -17.61
C GLY B 139 7.95 -16.79 -18.32
N PRO B 140 8.83 -15.78 -18.39
CA PRO B 140 8.73 -14.40 -17.88
C PRO B 140 7.61 -13.57 -18.51
N TRP B 141 7.24 -12.53 -17.77
CA TRP B 141 6.21 -11.59 -18.14
C TRP B 141 6.75 -10.18 -18.04
N PHE B 142 6.23 -9.29 -18.87
CA PHE B 142 6.72 -7.92 -18.88
C PHE B 142 6.06 -7.13 -17.77
N GLN B 143 6.89 -6.35 -17.07
CA GLN B 143 6.46 -5.47 -16.02
C GLN B 143 6.85 -4.03 -16.32
N TRP B 144 6.06 -3.08 -15.81
CA TRP B 144 6.45 -1.67 -15.79
C TRP B 144 5.52 -0.99 -14.78
N HIS B 145 5.83 -1.07 -13.49
CA HIS B 145 4.95 -0.47 -12.51
C HIS B 145 5.78 0.09 -11.36
N PHE B 146 5.23 1.13 -10.73
CA PHE B 146 5.86 1.74 -9.57
C PHE B 146 5.04 1.55 -8.30
N ASP B 147 3.78 1.13 -8.42
CA ASP B 147 2.91 0.84 -7.30
C ASP B 147 2.69 -0.65 -7.18
N ARG B 148 2.26 -1.09 -5.98
CA ARG B 148 1.98 -2.51 -5.70
C ARG B 148 0.73 -2.56 -4.82
N TRP B 149 0.06 -3.70 -4.84
CA TRP B 149 -1.19 -3.84 -4.10
C TRP B 149 -1.00 -4.77 -2.91
N THR B 150 -1.96 -4.68 -1.98
CA THR B 150 -2.22 -5.72 -1.00
C THR B 150 -3.44 -6.47 -1.48
N VAL B 151 -3.38 -7.79 -1.44
CA VAL B 151 -4.47 -8.62 -1.99
C VAL B 151 -5.74 -8.35 -1.20
N PRO B 152 -6.88 -8.10 -1.85
CA PRO B 152 -8.09 -7.73 -1.09
C PRO B 152 -8.60 -8.91 -0.26
N PRO B 153 -9.32 -8.61 0.83
CA PRO B 153 -9.90 -9.69 1.65
C PRO B 153 -10.76 -10.61 0.78
N GLY B 154 -10.68 -11.91 1.09
CA GLY B 154 -11.41 -12.93 0.35
C GLY B 154 -10.77 -13.39 -0.94
N ALA B 155 -9.76 -12.69 -1.42
CA ALA B 155 -9.07 -13.08 -2.64
C ALA B 155 -7.94 -14.05 -2.32
N THR B 156 -7.51 -14.79 -3.33
CA THR B 156 -6.40 -15.72 -3.20
C THR B 156 -5.28 -15.27 -4.11
N GLU B 157 -4.12 -14.97 -3.55
CA GLU B 157 -2.95 -14.68 -4.37
C GLU B 157 -2.50 -15.96 -5.07
N ILE B 158 -2.26 -15.85 -6.37
CA ILE B 158 -1.79 -16.96 -7.18
C ILE B 158 -0.29 -16.90 -7.42
N ALA B 159 0.27 -15.70 -7.61
CA ALA B 159 1.64 -15.55 -8.06
C ALA B 159 2.20 -14.28 -7.45
N ARG B 160 3.53 -14.21 -7.41
CA ARG B 160 4.18 -13.03 -6.87
C ARG B 160 5.65 -13.04 -7.28
N THR B 161 6.29 -11.87 -7.18
CA THR B 161 7.74 -11.78 -7.13
C THR B 161 8.15 -11.38 -5.71
N SER B 162 9.45 -11.40 -5.44
CA SER B 162 9.90 -10.90 -4.14
C SER B 162 9.52 -9.42 -3.94
N ARG B 163 9.32 -8.65 -5.00
CA ARG B 163 9.02 -7.23 -4.86
C ARG B 163 7.52 -6.93 -4.77
N SER B 164 6.66 -7.75 -5.36
CA SER B 164 5.25 -7.37 -5.35
C SER B 164 4.38 -8.59 -5.64
N SER B 165 3.12 -8.51 -5.20
CA SER B 165 2.10 -9.50 -5.57
C SER B 165 1.79 -9.30 -7.05
N GLN B 166 1.59 -10.42 -7.75
CA GLN B 166 1.50 -10.41 -9.21
C GLN B 166 0.15 -10.88 -9.76
N ALA B 167 -0.57 -11.75 -9.05
CA ALA B 167 -1.90 -12.16 -9.51
C ALA B 167 -2.72 -12.66 -8.34
N PHE B 168 -4.01 -12.34 -8.36
CA PHE B 168 -4.95 -12.88 -7.40
C PHE B 168 -6.27 -13.13 -8.11
N VAL B 169 -7.00 -14.08 -7.55
CA VAL B 169 -8.34 -14.40 -7.99
C VAL B 169 -9.32 -14.03 -6.90
N LEU B 170 -10.44 -13.48 -7.30
CA LEU B 170 -11.55 -13.18 -6.40
C LEU B 170 -12.79 -13.49 -7.21
N GLY B 171 -13.43 -14.61 -6.92
CA GLY B 171 -14.60 -14.98 -7.71
C GLY B 171 -14.17 -15.16 -9.15
N ARG B 172 -14.92 -14.53 -10.06
CA ARG B 172 -14.64 -14.57 -11.49
C ARG B 172 -13.72 -13.43 -11.96
N ALA B 173 -13.07 -12.76 -11.04
CA ALA B 173 -12.09 -11.74 -11.38
C ALA B 173 -10.65 -12.25 -11.18
N LEU B 174 -9.81 -11.97 -12.15
CA LEU B 174 -8.37 -12.25 -12.08
C LEU B 174 -7.64 -10.93 -12.28
N ALA B 175 -6.84 -10.55 -11.31
CA ALA B 175 -6.08 -9.30 -11.34
C ALA B 175 -4.62 -9.63 -11.60
N LEU B 176 -4.00 -8.93 -12.54
CA LEU B 176 -2.59 -9.11 -12.88
C LEU B 176 -1.82 -7.79 -12.72
N GLN B 177 -0.61 -7.86 -12.14
CA GLN B 177 0.29 -6.71 -12.03
C GLN B 177 1.16 -6.56 -13.28
N PHE B 178 1.35 -7.62 -14.04
CA PHE B 178 2.16 -7.63 -15.25
C PHE B 178 1.32 -7.41 -16.50
N HIS B 179 2.00 -7.27 -17.64
CA HIS B 179 1.41 -6.99 -18.95
C HIS B 179 1.52 -8.20 -19.85
N PRO B 180 0.55 -9.12 -19.87
CA PRO B 180 0.70 -10.29 -20.76
C PRO B 180 0.49 -9.92 -22.23
N GLU B 181 -0.05 -8.73 -22.50
CA GLU B 181 -0.47 -8.31 -23.83
C GLU B 181 0.66 -7.70 -24.66
N VAL B 182 1.79 -7.34 -24.04
CA VAL B 182 2.72 -6.45 -24.72
C VAL B 182 3.42 -7.16 -25.87
N ASP B 183 3.46 -6.52 -27.03
CA ASP B 183 4.26 -6.95 -28.17
C ASP B 183 5.21 -5.81 -28.57
N VAL B 184 5.99 -6.06 -29.63
CA VAL B 184 7.01 -5.11 -30.05
C VAL B 184 6.38 -3.74 -30.29
N ASP B 185 5.28 -3.71 -31.06
CA ASP B 185 4.70 -2.42 -31.39
C ASP B 185 4.13 -1.71 -30.15
N LEU B 186 3.48 -2.45 -29.25
CA LEU B 186 2.97 -1.82 -28.04
C LEU B 186 4.10 -1.19 -27.23
N LEU B 187 5.18 -1.97 -27.02
CA LEU B 187 6.32 -1.46 -26.28
C LEU B 187 6.92 -0.22 -26.96
N GLU B 188 6.94 -0.20 -28.30
CA GLU B 188 7.54 0.97 -28.97
C GLU B 188 6.77 2.24 -28.62
N GLY B 189 5.44 2.16 -28.53
CA GLY B 189 4.66 3.32 -28.14
C GLY B 189 5.01 3.82 -26.75
N TRP B 190 5.25 2.88 -25.83
CA TRP B 190 5.63 3.27 -24.49
C TRP B 190 7.03 3.88 -24.45
N LEU B 191 7.99 3.28 -25.16
CA LEU B 191 9.36 3.78 -25.10
C LEU B 191 9.44 5.17 -25.72
N ALA B 192 8.67 5.42 -26.78
CA ALA B 192 8.70 6.72 -27.44
C ALA B 192 8.24 7.83 -26.51
N ASP B 193 7.32 7.54 -25.60
CA ASP B 193 6.83 8.53 -24.66
C ASP B 193 7.52 8.44 -23.30
N ASP B 194 8.54 7.61 -23.16
CA ASP B 194 9.26 7.52 -21.89
C ASP B 194 10.36 8.56 -21.82
N ARG B 195 9.94 9.81 -21.65
CA ARG B 195 10.88 10.93 -21.74
C ARG B 195 11.93 10.87 -20.64
N GLU B 196 11.57 10.50 -19.42
CA GLU B 196 12.57 10.53 -18.36
C GLU B 196 13.53 9.35 -18.48
N GLY B 197 13.10 8.27 -19.15
CA GLY B 197 13.93 7.08 -19.14
C GLY B 197 14.84 6.81 -20.33
N ILE B 198 14.73 7.54 -21.44
CA ILE B 198 15.56 7.26 -22.61
C ILE B 198 17.03 7.36 -22.25
N SER B 199 17.39 8.33 -21.39
CA SER B 199 18.82 8.52 -21.12
C SER B 199 19.45 7.35 -20.34
N GLY B 200 18.65 6.38 -19.92
CA GLY B 200 19.13 5.29 -19.11
C GLY B 200 19.31 5.59 -17.66
N LYS B 201 18.87 6.75 -17.21
CA LYS B 201 19.15 7.06 -15.85
C LYS B 201 18.03 6.58 -14.99
N LEU B 202 17.20 5.55 -15.21
CA LEU B 202 16.29 5.17 -14.14
C LEU B 202 16.44 3.71 -13.75
N GLY B 203 17.58 3.08 -14.07
CA GLY B 203 17.81 1.70 -13.70
C GLY B 203 17.51 0.71 -14.80
N TYR B 204 17.11 1.19 -15.95
CA TYR B 204 16.90 0.39 -17.15
C TYR B 204 17.29 1.25 -18.33
N ASN B 205 17.36 0.64 -19.51
CA ASN B 205 17.59 1.38 -20.75
C ASN B 205 16.71 0.79 -21.85
N HIS B 206 16.28 1.66 -22.75
CA HIS B 206 15.37 1.22 -23.81
C HIS B 206 15.97 0.14 -24.69
N ASP B 207 17.28 0.18 -24.91
CA ASP B 207 17.87 -0.79 -25.83
C ASP B 207 17.71 -2.21 -25.31
N ASP B 208 17.97 -2.42 -24.02
CA ASP B 208 17.87 -3.77 -23.48
C ASP B 208 16.42 -4.21 -23.35
N LEU B 209 15.53 -3.29 -22.97
CA LEU B 209 14.09 -3.61 -22.96
C LEU B 209 13.63 -4.06 -24.34
N ARG B 210 14.04 -3.37 -25.40
CA ARG B 210 13.58 -3.73 -26.76
C ARG B 210 14.15 -5.06 -27.22
N LEU B 211 15.41 -5.31 -26.90
CA LEU B 211 16.07 -6.54 -27.31
C LEU B 211 15.44 -7.74 -26.64
N ARG B 212 15.22 -7.66 -25.32
CA ARG B 212 14.63 -8.77 -24.60
C ARG B 212 13.22 -9.05 -25.11
N THR B 213 12.48 -7.99 -25.39
CA THR B 213 11.15 -8.15 -25.95
C THR B 213 11.20 -8.85 -27.29
N LYS B 214 12.10 -8.42 -28.17
CA LYS B 214 12.18 -9.06 -29.49
C LYS B 214 12.49 -10.55 -29.36
N GLU B 215 13.40 -10.89 -28.47
CA GLU B 215 13.78 -12.28 -28.27
C GLU B 215 12.58 -13.13 -27.87
N LEU B 216 11.68 -12.58 -27.09
CA LEU B 216 10.64 -13.38 -26.46
C LEU B 216 9.31 -13.29 -27.18
N VAL B 217 9.26 -12.65 -28.35
CA VAL B 217 7.99 -12.41 -29.04
C VAL B 217 7.20 -13.71 -29.16
N ASP B 218 7.82 -14.74 -29.71
CA ASP B 218 7.09 -15.96 -30.03
C ASP B 218 6.62 -16.66 -28.77
N ASP B 219 7.47 -16.74 -27.75
CA ASP B 219 7.04 -17.39 -26.51
C ASP B 219 5.95 -16.57 -25.82
N ALA B 220 6.10 -15.23 -25.80
CA ALA B 220 5.09 -14.41 -25.14
C ALA B 220 3.73 -14.52 -25.84
N ALA B 221 3.72 -14.63 -27.17
CA ALA B 221 2.48 -14.73 -27.92
C ALA B 221 1.73 -15.99 -27.53
N VAL B 222 2.46 -17.07 -27.30
CA VAL B 222 1.84 -18.33 -26.90
C VAL B 222 1.30 -18.22 -25.49
N ARG B 223 2.06 -17.58 -24.61
CA ARG B 223 1.69 -17.50 -23.21
C ARG B 223 0.41 -16.70 -22.99
N VAL B 224 0.22 -15.59 -23.71
CA VAL B 224 -0.96 -14.79 -23.45
C VAL B 224 -2.22 -15.55 -23.89
N ARG B 225 -2.12 -16.31 -24.99
CA ARG B 225 -3.26 -17.13 -25.41
C ARG B 225 -3.56 -18.20 -24.38
N GLU B 226 -2.53 -18.83 -23.85
CA GLU B 226 -2.78 -19.86 -22.85
C GLU B 226 -3.33 -19.27 -21.57
N LEU B 227 -2.90 -18.05 -21.22
CA LEU B 227 -3.40 -17.40 -20.03
C LEU B 227 -4.89 -17.10 -20.17
N VAL B 228 -5.30 -16.56 -21.32
CA VAL B 228 -6.71 -16.26 -21.53
C VAL B 228 -7.54 -17.54 -21.50
N ARG B 229 -7.08 -18.59 -22.19
CA ARG B 229 -7.83 -19.86 -22.19
C ARG B 229 -8.03 -20.37 -20.76
N ALA B 230 -6.98 -20.32 -19.95
CA ALA B 230 -7.05 -20.83 -18.58
C ALA B 230 -7.93 -19.94 -17.74
N PHE B 231 -7.84 -18.62 -17.93
CA PHE B 231 -8.75 -17.70 -17.27
C PHE B 231 -10.20 -18.10 -17.54
N LEU B 232 -10.53 -18.34 -18.81
CA LEU B 232 -11.89 -18.72 -19.18
C LEU B 232 -12.24 -20.07 -18.58
N ASP B 233 -11.26 -20.98 -18.50
CA ASP B 233 -11.54 -22.33 -18.02
C ASP B 233 -11.80 -22.34 -16.52
N LYS B 234 -10.95 -21.62 -15.78
CA LYS B 234 -10.84 -21.76 -14.33
C LYS B 234 -11.34 -20.59 -13.50
N VAL B 235 -11.24 -19.36 -14.00
CA VAL B 235 -11.72 -18.21 -13.21
C VAL B 235 -13.16 -17.84 -13.53
N VAL B 236 -13.47 -17.65 -14.80
CA VAL B 236 -14.85 -17.35 -15.18
C VAL B 236 -15.80 -18.44 -14.73
N ARG B 237 -15.30 -19.67 -14.56
CA ARG B 237 -16.17 -20.75 -14.09
C ARG B 237 -16.50 -20.64 -12.60
N ALA B 238 -15.74 -19.84 -11.86
CA ALA B 238 -15.89 -19.76 -10.42
C ALA B 238 -17.24 -19.16 -10.04
N ASP B 239 -17.60 -19.29 -8.75
CA ASP B 239 -18.80 -18.63 -8.25
C ASP B 239 -18.52 -17.14 -8.00
N PRO B 240 -19.45 -16.25 -8.33
CA PRO B 240 -19.18 -14.81 -8.19
C PRO B 240 -18.88 -14.42 -6.76
N ALA B 241 -18.06 -13.38 -6.61
CA ALA B 241 -17.66 -12.91 -5.29
C ALA B 241 -17.21 -11.46 -5.33
N SER B 242 -17.27 -10.82 -4.18
CA SER B 242 -16.90 -9.41 -4.05
C SER B 242 -16.27 -9.16 -2.69
#